data_7YLF
#
_entry.id   7YLF
#
_cell.length_a   64.299
_cell.length_b   64.299
_cell.length_c   95.782
_cell.angle_alpha   90.000
_cell.angle_beta   90.000
_cell.angle_gamma   120.000
#
_symmetry.space_group_name_H-M   'P 32 2 1'
#
loop_
_entity.id
_entity.type
_entity.pdbx_description
1 polymer 'Toll-like receptor 15'
2 non-polymer 'SULFATE ION'
3 non-polymer GLYCEROL
4 water water
#
_entity_poly.entity_id   1
_entity_poly.type   'polypeptide(L)'
_entity_poly.pdbx_seq_one_letter_code
;GSAKDPKKRPENKPFDAFISYSEHDADWTKEHLLKKLETDGFKICYHERDFKPGHPVLGNIFYCIENSHKVLFVLSPSFV
NSCW(CME)QYELYFAEHRVLDENQDSLIMVVLEDLPPDSVPQKFSKLRKLLKRKTYLKWSPEEHKQKIFWHQLAAVLKT
TNEPLVRAENGPNEDVIEME
;
_entity_poly.pdbx_strand_id   A
#
# COMPACT_ATOMS: atom_id res chain seq x y z
N ASN A 12 8.64 -9.62 -14.67
CA ASN A 12 8.83 -8.26 -15.15
C ASN A 12 7.47 -7.58 -15.36
N LYS A 13 6.85 -7.13 -14.27
CA LYS A 13 5.54 -6.49 -14.30
C LYS A 13 5.66 -5.05 -14.81
N PRO A 14 4.63 -4.51 -15.46
CA PRO A 14 4.74 -3.13 -15.95
C PRO A 14 4.71 -2.09 -14.84
N PHE A 15 4.06 -2.36 -13.71
CA PHE A 15 4.03 -1.45 -12.58
C PHE A 15 4.89 -1.98 -11.44
N ASP A 16 5.57 -1.08 -10.74
CA ASP A 16 6.32 -1.48 -9.55
C ASP A 16 5.39 -1.78 -8.37
N ALA A 17 4.29 -1.04 -8.25
CA ALA A 17 3.40 -1.25 -7.13
C ALA A 17 1.97 -0.82 -7.44
N PHE A 18 1.02 -1.60 -6.93
CA PHE A 18 -0.37 -1.19 -6.75
C PHE A 18 -0.49 -0.60 -5.35
N ILE A 19 -0.96 0.64 -5.25
CA ILE A 19 -1.00 1.33 -3.97
C ILE A 19 -2.45 1.54 -3.54
N SER A 20 -2.74 1.24 -2.28
CA SER A 20 -4.09 1.45 -1.73
C SER A 20 -3.99 2.27 -0.45
N TYR A 21 -4.96 3.17 -0.27
CA TYR A 21 -4.92 4.13 0.83
C TYR A 21 -6.33 4.61 1.09
N SER A 22 -6.58 5.02 2.32
CA SER A 22 -7.92 5.45 2.69
C SER A 22 -8.20 6.85 2.17
N GLU A 23 -9.49 7.19 2.09
CA GLU A 23 -9.87 8.55 1.70
C GLU A 23 -9.25 9.59 2.61
N HIS A 24 -9.23 9.30 3.92
CA HIS A 24 -8.66 10.23 4.89
C HIS A 24 -7.18 10.51 4.63
N ASP A 25 -6.46 9.51 4.13
CA ASP A 25 -5.02 9.63 3.85
C ASP A 25 -4.71 10.01 2.41
N ALA A 26 -5.73 10.38 1.62
CA ALA A 26 -5.51 10.60 0.19
C ALA A 26 -4.59 11.79 -0.07
N ASP A 27 -4.80 12.90 0.64
CA ASP A 27 -3.96 14.07 0.45
C ASP A 27 -2.50 13.77 0.76
N TRP A 28 -2.23 13.09 1.89
CA TRP A 28 -0.85 12.81 2.23
C TRP A 28 -0.21 11.85 1.23
N THR A 29 -0.97 10.83 0.82
CA THR A 29 -0.45 9.82 -0.10
C THR A 29 -0.13 10.43 -1.45
N LYS A 30 -1.02 11.27 -1.99
CA LYS A 30 -0.75 11.87 -3.29
C LYS A 30 0.39 12.87 -3.22
N GLU A 31 0.43 13.68 -2.16
CA GLU A 31 1.40 14.77 -2.09
C GLU A 31 2.80 14.30 -1.70
N HIS A 32 2.90 13.17 -0.98
CA HIS A 32 4.19 12.71 -0.48
C HIS A 32 4.59 11.38 -1.11
N LEU A 33 3.83 10.31 -0.86
CA LEU A 33 4.21 8.99 -1.34
C LEU A 33 4.20 8.92 -2.86
N LEU A 34 3.05 9.20 -3.48
CA LEU A 34 2.93 9.06 -4.93
C LEU A 34 3.88 10.01 -5.66
N LYS A 35 3.97 11.26 -5.19
CA LYS A 35 4.80 12.24 -5.86
C LYS A 35 6.26 11.85 -5.82
N LYS A 36 6.75 11.49 -4.64
CA LYS A 36 8.15 11.08 -4.50
C LYS A 36 8.45 9.86 -5.37
N LEU A 37 7.64 8.81 -5.24
CA LEU A 37 7.86 7.58 -6.00
C LEU A 37 7.86 7.84 -7.50
N GLU A 38 6.88 8.60 -8.00
CA GLU A 38 6.83 8.82 -9.44
C GLU A 38 7.94 9.76 -9.91
N THR A 39 8.28 10.78 -9.10
CA THR A 39 9.43 11.62 -9.45
C THR A 39 10.71 10.80 -9.54
N ASP A 40 10.84 9.78 -8.70
CA ASP A 40 12.02 8.94 -8.65
C ASP A 40 11.98 7.78 -9.64
N GLY A 41 10.97 7.69 -10.49
CA GLY A 41 10.97 6.73 -11.58
C GLY A 41 10.16 5.47 -11.38
N PHE A 42 9.49 5.31 -10.24
CA PHE A 42 8.65 4.15 -10.05
C PHE A 42 7.34 4.32 -10.81
N LYS A 43 6.82 3.20 -11.30
CA LYS A 43 5.56 3.18 -12.04
C LYS A 43 4.51 2.56 -11.13
N ILE A 44 3.45 3.33 -10.85
CA ILE A 44 2.46 3.01 -9.82
C ILE A 44 1.11 2.82 -10.51
N CYS A 45 0.34 1.85 -10.03
CA CYS A 45 -1.05 1.67 -10.42
C CYS A 45 -1.90 1.94 -9.20
N TYR A 46 -2.87 2.85 -9.32
CA TYR A 46 -3.78 3.08 -8.21
C TYR A 46 -5.14 3.49 -8.78
N HIS A 47 -6.21 3.04 -8.11
CA HIS A 47 -7.54 3.05 -8.71
C HIS A 47 -8.06 4.45 -8.94
N GLU A 48 -7.75 5.38 -8.03
CA GLU A 48 -8.25 6.74 -8.18
C GLU A 48 -7.90 7.33 -9.54
N ARG A 49 -6.71 6.99 -10.07
CA ARG A 49 -6.31 7.43 -11.40
C ARG A 49 -6.51 6.37 -12.47
N ASP A 50 -6.26 5.10 -12.16
CA ASP A 50 -6.07 4.09 -13.18
C ASP A 50 -7.23 3.12 -13.34
N PHE A 51 -8.28 3.23 -12.52
CA PHE A 51 -9.49 2.45 -12.72
C PHE A 51 -10.41 3.24 -13.63
N LYS A 52 -10.79 2.64 -14.75
CA LYS A 52 -11.63 3.30 -15.76
C LYS A 52 -12.97 2.58 -15.84
N PRO A 53 -14.01 3.07 -15.18
CA PRO A 53 -15.29 2.36 -15.16
C PRO A 53 -15.77 1.99 -16.56
N GLY A 54 -16.20 0.74 -16.71
CA GLY A 54 -16.70 0.26 -17.98
C GLY A 54 -15.64 -0.20 -18.96
N HIS A 55 -14.38 0.15 -18.71
CA HIS A 55 -13.32 -0.26 -19.62
C HIS A 55 -13.06 -1.76 -19.42
N PRO A 56 -13.04 -2.55 -20.49
CA PRO A 56 -12.92 -4.01 -20.30
C PRO A 56 -11.63 -4.45 -19.66
N VAL A 57 -10.55 -3.69 -19.83
CA VAL A 57 -9.28 -4.01 -19.20
C VAL A 57 -9.06 -3.19 -17.94
N LEU A 58 -9.26 -1.87 -18.02
CA LEU A 58 -8.91 -0.99 -16.92
C LEU A 58 -10.04 -0.83 -15.90
N GLY A 59 -11.23 -1.33 -16.20
CA GLY A 59 -12.36 -1.17 -15.30
C GLY A 59 -12.63 -2.39 -14.46
N ASN A 60 -11.60 -3.12 -14.06
CA ASN A 60 -11.85 -4.12 -13.03
C ASN A 60 -10.68 -4.15 -12.06
N ILE A 61 -10.98 -4.66 -10.86
CA ILE A 61 -10.05 -4.56 -9.73
C ILE A 61 -8.86 -5.49 -9.86
N PHE A 62 -8.88 -6.44 -10.80
CA PHE A 62 -7.75 -7.33 -10.95
C PHE A 62 -6.61 -6.70 -11.74
N TYR A 63 -6.88 -5.64 -12.48
CA TYR A 63 -5.87 -5.11 -13.41
C TYR A 63 -4.61 -4.66 -12.67
N CYS A 64 -4.75 -3.75 -11.69
CA CYS A 64 -3.55 -3.21 -11.05
C CYS A 64 -2.75 -4.30 -10.37
N ILE A 65 -3.41 -5.11 -9.54
CA ILE A 65 -2.68 -6.08 -8.73
C ILE A 65 -2.02 -7.13 -9.62
N GLU A 66 -2.67 -7.51 -10.71
CA GLU A 66 -2.08 -8.52 -11.57
C GLU A 66 -0.90 -7.99 -12.36
N ASN A 67 -0.78 -6.67 -12.50
CA ASN A 67 0.27 -6.08 -13.32
C ASN A 67 1.28 -5.30 -12.51
N SER A 68 1.31 -5.51 -11.19
CA SER A 68 2.21 -4.81 -10.30
C SER A 68 3.07 -5.79 -9.55
N HIS A 69 4.36 -5.45 -9.38
CA HIS A 69 5.30 -6.31 -8.66
C HIS A 69 4.94 -6.38 -7.18
N LYS A 70 4.59 -5.25 -6.59
CA LYS A 70 4.29 -5.19 -5.16
C LYS A 70 2.89 -4.64 -4.95
N VAL A 71 2.33 -4.92 -3.78
CA VAL A 71 1.12 -4.28 -3.31
C VAL A 71 1.50 -3.49 -2.06
N LEU A 72 1.19 -2.20 -2.07
CA LEU A 72 1.59 -1.32 -0.98
C LEU A 72 0.34 -0.72 -0.35
N PHE A 73 0.18 -0.90 0.96
CA PHE A 73 -0.93 -0.33 1.72
C PHE A 73 -0.42 0.78 2.61
N VAL A 74 -1.12 1.91 2.63
CA VAL A 74 -0.83 2.98 3.57
C VAL A 74 -1.73 2.73 4.79
N LEU A 75 -1.12 2.45 5.94
CA LEU A 75 -1.88 2.04 7.12
C LEU A 75 -2.01 3.18 8.13
N SER A 76 -3.22 3.30 8.69
CA SER A 76 -3.57 4.24 9.74
C SER A 76 -4.87 3.77 10.34
N PRO A 77 -5.29 4.33 11.49
CA PRO A 77 -6.65 4.01 11.96
C PRO A 77 -7.72 4.20 10.91
N SER A 78 -7.63 5.26 10.10
CA SER A 78 -8.66 5.50 9.09
C SER A 78 -8.72 4.37 8.08
N PHE A 79 -7.57 3.77 7.75
CA PHE A 79 -7.56 2.61 6.86
C PHE A 79 -8.21 1.40 7.52
N VAL A 80 -7.76 1.04 8.73
CA VAL A 80 -8.25 -0.17 9.38
C VAL A 80 -9.75 -0.08 9.65
N ASN A 81 -10.26 1.11 9.98
CA ASN A 81 -11.68 1.26 10.32
C ASN A 81 -12.57 1.54 9.12
N SER A 82 -12.01 1.67 7.93
CA SER A 82 -12.81 1.94 6.75
C SER A 82 -13.38 0.64 6.18
N CYS A 83 -14.70 0.63 5.97
CA CYS A 83 -15.36 -0.50 5.32
C CYS A 83 -14.69 -0.82 3.98
N TRP A 84 -14.47 0.19 3.17
CA TRP A 84 -13.88 -0.03 1.84
CA TRP A 84 -13.88 -0.01 1.84
C TRP A 84 -12.47 -0.56 1.92
N GLN A 86 -11.25 -2.36 4.32
CA GLN A 86 -11.27 -3.73 4.77
C GLN A 86 -11.56 -4.66 3.58
N TYR A 87 -12.41 -4.22 2.65
CA TYR A 87 -12.62 -5.00 1.43
C TYR A 87 -11.34 -5.08 0.60
N GLU A 88 -10.62 -3.97 0.52
CA GLU A 88 -9.35 -3.98 -0.23
C GLU A 88 -8.36 -4.92 0.44
N LEU A 89 -8.27 -4.89 1.77
CA LEU A 89 -7.40 -5.81 2.50
C LEU A 89 -7.77 -7.25 2.24
N TYR A 90 -9.07 -7.57 2.31
CA TYR A 90 -9.53 -8.93 2.04
C TYR A 90 -9.05 -9.41 0.68
N PHE A 91 -9.22 -8.55 -0.33
CA PHE A 91 -8.85 -8.90 -1.71
C PHE A 91 -7.36 -9.20 -1.83
N ALA A 92 -6.54 -8.29 -1.31
CA ALA A 92 -5.10 -8.49 -1.45
C ALA A 92 -4.66 -9.69 -0.64
N GLU A 93 -5.17 -9.83 0.59
CA GLU A 93 -4.83 -11.00 1.40
C GLU A 93 -5.14 -12.30 0.68
N HIS A 94 -6.27 -12.37 -0.03
CA HIS A 94 -6.64 -13.60 -0.71
C HIS A 94 -6.05 -13.73 -2.10
N ARG A 95 -5.78 -12.60 -2.76
CA ARG A 95 -5.03 -12.66 -4.03
C ARG A 95 -3.53 -12.84 -3.78
N VAL A 96 -2.95 -12.07 -2.86
CA VAL A 96 -1.51 -12.14 -2.58
C VAL A 96 -1.25 -12.75 -1.22
N GLN A 101 2.61 -13.56 1.31
CA GLN A 101 3.65 -13.51 0.30
C GLN A 101 4.55 -12.29 0.50
N ASP A 102 5.70 -12.31 -0.16
CA ASP A 102 6.67 -11.23 -0.06
C ASP A 102 6.29 -10.01 -0.89
N SER A 103 5.22 -10.08 -1.69
CA SER A 103 4.88 -8.96 -2.54
C SER A 103 4.16 -7.85 -1.79
N LEU A 104 3.85 -8.05 -0.52
CA LEU A 104 3.09 -7.08 0.25
C LEU A 104 4.04 -6.08 0.90
N ILE A 105 3.65 -4.81 0.92
CA ILE A 105 4.45 -3.79 1.58
C ILE A 105 3.51 -2.94 2.40
N MET A 106 3.80 -2.83 3.70
CA MET A 106 2.98 -2.05 4.62
CA MET A 106 2.97 -2.03 4.59
C MET A 106 3.75 -0.82 5.05
N VAL A 107 3.14 0.35 4.87
CA VAL A 107 3.68 1.62 5.31
C VAL A 107 2.75 2.11 6.42
N VAL A 108 3.29 2.21 7.64
CA VAL A 108 2.48 2.67 8.77
C VAL A 108 2.63 4.19 8.81
N LEU A 109 1.57 4.88 8.40
CA LEU A 109 1.56 6.34 8.44
C LEU A 109 1.22 6.84 9.84
N GLU A 110 0.33 6.13 10.53
CA GLU A 110 -0.08 6.48 11.89
C GLU A 110 -0.28 5.18 12.66
N ASP A 111 0.16 5.19 13.93
CA ASP A 111 0.10 3.99 14.75
C ASP A 111 -1.32 3.42 14.81
N LEU A 112 -1.40 2.07 14.80
CA LEU A 112 -2.68 1.38 14.93
C LEU A 112 -2.85 0.92 16.37
N PRO A 113 -3.96 1.26 17.03
CA PRO A 113 -4.17 0.77 18.39
C PRO A 113 -4.14 -0.75 18.40
N PRO A 114 -3.65 -1.34 19.49
CA PRO A 114 -3.55 -2.81 19.55
C PRO A 114 -4.91 -3.48 19.34
N ASP A 115 -4.90 -4.60 18.62
CA ASP A 115 -6.07 -5.43 18.35
C ASP A 115 -7.18 -4.67 17.62
N SER A 116 -6.83 -3.60 16.91
CA SER A 116 -7.83 -2.86 16.16
C SER A 116 -8.11 -3.51 14.81
N VAL A 117 -7.17 -4.27 14.27
CA VAL A 117 -7.40 -4.95 12.99
C VAL A 117 -8.34 -6.13 13.23
N PRO A 118 -9.42 -6.24 12.46
CA PRO A 118 -10.37 -7.35 12.68
C PRO A 118 -9.65 -8.70 12.68
N GLN A 119 -10.14 -9.60 13.54
CA GLN A 119 -9.41 -10.83 13.80
C GLN A 119 -9.19 -11.66 12.53
N LYS A 120 -10.14 -11.61 11.60
CA LYS A 120 -10.05 -12.50 10.44
C LYS A 120 -9.04 -12.03 9.39
N PHE A 121 -8.45 -10.84 9.54
CA PHE A 121 -7.38 -10.40 8.66
C PHE A 121 -6.05 -10.95 9.19
N SER A 122 -5.90 -12.27 9.07
CA SER A 122 -4.75 -12.96 9.64
C SER A 122 -3.43 -12.43 9.11
N LYS A 123 -3.34 -12.20 7.79
CA LYS A 123 -2.07 -11.83 7.18
C LYS A 123 -1.59 -10.48 7.69
N LEU A 124 -2.44 -9.46 7.62
CA LEU A 124 -2.04 -8.15 8.14
C LEU A 124 -1.70 -8.24 9.62
N ARG A 125 -2.46 -9.04 10.37
CA ARG A 125 -2.20 -9.15 11.81
C ARG A 125 -0.82 -9.74 12.07
N LYS A 126 -0.49 -10.86 11.41
CA LYS A 126 0.82 -11.49 11.62
C LYS A 126 1.95 -10.59 11.14
N LEU A 127 1.74 -9.87 10.02
CA LEU A 127 2.77 -8.98 9.48
C LEU A 127 3.04 -7.83 10.44
N LEU A 128 1.99 -7.25 11.01
CA LEU A 128 2.19 -6.19 12.00
C LEU A 128 2.85 -6.73 13.25
N LYS A 129 2.37 -7.88 13.73
CA LYS A 129 2.96 -8.51 14.91
C LYS A 129 4.43 -8.77 14.71
N ARG A 130 4.83 -9.13 13.49
CA ARG A 130 6.21 -9.46 13.20
C ARG A 130 7.00 -8.26 12.69
N LYS A 131 6.44 -7.05 12.84
CA LYS A 131 7.17 -5.79 12.63
C LYS A 131 7.76 -5.69 11.23
N THR A 132 7.05 -6.21 10.24
CA THR A 132 7.59 -6.24 8.87
C THR A 132 7.31 -4.97 8.08
N TYR A 133 6.80 -3.92 8.71
CA TYR A 133 6.38 -2.72 8.02
C TYR A 133 7.46 -1.65 8.07
N LEU A 134 7.28 -0.63 7.22
CA LEU A 134 8.04 0.62 7.32
C LEU A 134 7.16 1.67 7.98
N LYS A 135 7.75 2.48 8.86
CA LYS A 135 7.00 3.47 9.61
C LYS A 135 7.42 4.87 9.17
N TRP A 136 6.42 5.72 8.88
CA TRP A 136 6.64 7.13 8.61
C TRP A 136 7.10 7.84 9.87
N SER A 137 7.81 8.95 9.69
CA SER A 137 8.23 9.78 10.81
C SER A 137 8.11 11.23 10.39
N PRO A 138 7.87 12.14 11.34
CA PRO A 138 7.87 13.58 11.01
C PRO A 138 9.26 14.16 10.83
N GLU A 139 10.29 13.50 11.34
CA GLU A 139 11.63 14.07 11.36
C GLU A 139 12.33 13.82 10.02
N GLU A 140 12.92 14.89 9.48
CA GLU A 140 13.53 14.80 8.15
C GLU A 140 14.55 13.66 8.07
N HIS A 141 15.33 13.47 9.12
CA HIS A 141 16.37 12.45 9.09
C HIS A 141 15.77 11.06 8.96
N LYS A 142 14.71 10.79 9.73
CA LYS A 142 14.04 9.50 9.61
C LYS A 142 13.28 9.38 8.30
N GLN A 143 12.77 10.50 7.76
CA GLN A 143 12.08 10.43 6.48
C GLN A 143 13.05 10.11 5.35
N LYS A 144 14.25 10.71 5.36
CA LYS A 144 15.23 10.39 4.34
C LYS A 144 15.54 8.90 4.33
N ILE A 145 15.73 8.31 5.52
CA ILE A 145 15.96 6.87 5.60
C ILE A 145 14.76 6.11 5.08
N PHE A 146 13.56 6.52 5.50
CA PHE A 146 12.31 5.90 5.05
C PHE A 146 12.26 5.77 3.54
N TRP A 147 12.60 6.84 2.82
CA TRP A 147 12.46 6.84 1.37
C TRP A 147 13.47 5.90 0.71
N HIS A 148 14.70 5.85 1.23
CA HIS A 148 15.66 4.88 0.72
C HIS A 148 15.20 3.45 0.99
N GLN A 149 14.68 3.20 2.21
CA GLN A 149 14.22 1.86 2.55
C GLN A 149 12.99 1.46 1.75
N LEU A 150 12.11 2.42 1.45
CA LEU A 150 10.94 2.13 0.63
C LEU A 150 11.37 1.74 -0.78
N ALA A 151 12.30 2.50 -1.38
CA ALA A 151 12.82 2.12 -2.68
C ALA A 151 13.44 0.74 -2.64
N ALA A 152 14.18 0.44 -1.57
CA ALA A 152 14.83 -0.87 -1.45
C ALA A 152 13.78 -1.99 -1.44
N VAL A 153 12.74 -1.83 -0.63
CA VAL A 153 11.80 -2.94 -0.49
C VAL A 153 10.99 -3.12 -1.76
N LEU A 154 10.75 -2.01 -2.50
CA LEU A 154 10.01 -2.12 -3.76
C LEU A 154 10.76 -2.94 -4.79
N LYS A 155 12.09 -2.98 -4.71
CA LYS A 155 12.92 -3.69 -5.68
C LYS A 155 13.24 -5.13 -5.28
N THR A 156 12.82 -5.58 -4.10
CA THR A 156 13.12 -6.95 -3.71
C THR A 156 12.33 -7.95 -4.56
N THR A 157 12.82 -9.19 -4.59
CA THR A 157 12.09 -10.27 -5.23
C THR A 157 10.83 -10.63 -4.44
N ASN A 158 9.97 -11.43 -5.06
CA ASN A 158 8.73 -11.89 -4.40
C ASN A 158 8.83 -13.34 -3.93
#